data_5L34
#
_entry.id   5L34
#
_entity_poly.entity_id   1
_entity_poly.type   'polypeptide(L)'
_entity_poly.pdbx_seq_one_letter_code
;CR(DTR)TPVC(NH2)
;
_entity_poly.pdbx_strand_id   A
#
# COMPACT_ATOMS: atom_id res chain seq x y z
N CYS A 1 3.24 -1.47 -3.79
CA CYS A 1 1.96 -0.97 -4.38
C CYS A 1 1.46 0.22 -3.57
N ARG A 2 1.13 1.30 -4.27
CA ARG A 2 0.64 2.51 -3.61
C ARG A 2 -0.86 2.40 -3.33
N THR A 4 -2.16 2.31 -0.92
CA THR A 4 -2.31 1.58 0.33
C THR A 4 -0.96 1.56 1.07
N PRO A 5 -0.84 2.16 2.23
CA PRO A 5 0.44 2.19 2.98
C PRO A 5 0.71 0.87 3.71
N VAL A 6 0.02 -0.17 3.30
CA VAL A 6 0.18 -1.48 3.91
C VAL A 6 0.23 -2.59 2.85
N CYS A 7 -0.65 -2.47 1.86
CA CYS A 7 -0.71 -3.46 0.78
C CYS A 7 -0.54 -4.86 1.33
N CYS A 1 1.07 -0.95 -6.01
CA CYS A 1 1.06 -1.34 -4.57
C CYS A 1 0.83 -0.12 -3.70
N ARG A 2 0.88 1.06 -4.32
CA ARG A 2 0.68 2.31 -3.59
C ARG A 2 -0.80 2.56 -3.35
N THR A 4 -2.15 2.69 -0.95
CA THR A 4 -2.48 1.96 0.27
C THR A 4 -1.19 1.60 1.03
N PRO A 5 -0.97 2.14 2.22
CA PRO A 5 0.26 1.84 2.99
C PRO A 5 0.20 0.48 3.69
N VAL A 6 -0.72 -0.37 3.25
CA VAL A 6 -0.87 -1.69 3.83
C VAL A 6 0.02 -2.69 3.11
N CYS A 7 0.34 -2.41 1.85
CA CYS A 7 1.19 -3.30 1.07
C CYS A 7 2.66 -3.01 1.34
N CYS A 1 2.67 -1.94 -3.88
CA CYS A 1 1.51 -1.23 -4.49
C CYS A 1 1.15 -0.03 -3.63
N ARG A 2 1.02 1.14 -4.27
CA ARG A 2 0.67 2.36 -3.55
C ARG A 2 -0.82 2.42 -3.29
N THR A 4 -2.13 2.47 -0.90
CA THR A 4 -2.35 1.72 0.31
C THR A 4 -1.03 1.58 1.09
N PRO A 5 -0.91 2.15 2.27
CA PRO A 5 0.36 2.05 3.05
C PRO A 5 0.47 0.72 3.79
N VAL A 6 -0.38 -0.24 3.40
CA VAL A 6 -0.36 -1.56 4.02
C VAL A 6 0.02 -2.63 2.99
N CYS A 7 -0.11 -2.28 1.72
CA CYS A 7 0.23 -3.22 0.65
C CYS A 7 1.51 -3.97 0.98
N CYS A 1 1.02 -0.96 -5.98
CA CYS A 1 1.08 -1.35 -4.55
C CYS A 1 0.86 -0.12 -3.68
N ARG A 2 0.88 1.05 -4.30
CA ARG A 2 0.67 2.29 -3.57
C ARG A 2 -0.80 2.53 -3.30
N THR A 4 -2.14 2.67 -0.95
CA THR A 4 -2.46 1.92 0.27
C THR A 4 -1.17 1.59 1.03
N PRO A 5 -0.96 2.12 2.22
CA PRO A 5 0.27 1.85 3.00
C PRO A 5 0.22 0.49 3.70
N VAL A 6 -0.70 -0.35 3.26
CA VAL A 6 -0.85 -1.68 3.85
C VAL A 6 -0.01 -2.70 3.07
N CYS A 7 0.33 -2.35 1.84
CA CYS A 7 1.13 -3.24 1.01
C CYS A 7 2.62 -3.09 1.32
N CYS A 1 2.67 -1.96 -3.84
CA CYS A 1 1.56 -1.22 -4.49
C CYS A 1 1.18 -0.02 -3.63
N ARG A 2 1.03 1.14 -4.26
CA ARG A 2 0.67 2.36 -3.55
C ARG A 2 -0.82 2.41 -3.28
N THR A 4 -2.13 2.45 -0.90
CA THR A 4 -2.34 1.69 0.32
C THR A 4 -1.03 1.56 1.11
N PRO A 5 -0.91 2.15 2.27
CA PRO A 5 0.35 2.07 3.07
C PRO A 5 0.49 0.74 3.80
N VAL A 6 -0.33 -0.23 3.40
CA VAL A 6 -0.30 -1.55 4.02
C VAL A 6 -0.04 -2.63 2.98
N CYS A 7 -0.11 -2.25 1.71
CA CYS A 7 0.12 -3.20 0.62
C CYS A 7 1.30 -4.11 0.94
N CYS A 1 1.03 -0.96 -5.98
CA CYS A 1 1.09 -1.35 -4.54
C CYS A 1 0.86 -0.12 -3.66
N ARG A 2 0.87 1.06 -4.29
CA ARG A 2 0.67 2.30 -3.57
C ARG A 2 -0.82 2.54 -3.30
N THR A 4 -2.12 2.68 -0.95
CA THR A 4 -2.44 1.92 0.26
C THR A 4 -1.15 1.60 1.03
N PRO A 5 -0.96 2.12 2.22
CA PRO A 5 0.28 1.86 3.00
C PRO A 5 0.23 0.50 3.71
N VAL A 6 -0.69 -0.35 3.27
CA VAL A 6 -0.83 -1.68 3.86
C VAL A 6 0.00 -2.69 3.08
N CYS A 7 0.31 -2.36 1.83
CA CYS A 7 1.11 -3.25 0.99
C CYS A 7 2.59 -3.12 1.32
N CYS A 1 1.02 -0.96 -5.98
CA CYS A 1 1.08 -1.35 -4.55
C CYS A 1 0.85 -0.13 -3.67
N ARG A 2 0.87 1.05 -4.29
CA ARG A 2 0.67 2.29 -3.56
C ARG A 2 -0.80 2.53 -3.30
N THR A 4 -2.13 2.68 -0.94
CA THR A 4 -2.44 1.92 0.26
C THR A 4 -1.15 1.60 1.03
N PRO A 5 -0.96 2.12 2.22
CA PRO A 5 0.27 1.86 3.01
C PRO A 5 0.23 0.50 3.71
N VAL A 6 -0.70 -0.35 3.26
CA VAL A 6 -0.84 -1.68 3.85
C VAL A 6 -0.02 -2.70 3.07
N CYS A 7 0.33 -2.35 1.84
CA CYS A 7 1.12 -3.24 0.99
C CYS A 7 2.60 -3.10 1.31
N CYS A 1 2.43 -2.04 -4.07
CA CYS A 1 1.21 -1.33 -4.54
C CYS A 1 0.99 -0.09 -3.68
N ARG A 2 0.85 1.06 -4.32
CA ARG A 2 0.64 2.31 -3.61
C ARG A 2 -0.85 2.53 -3.35
N THR A 4 -2.16 2.67 -0.94
CA THR A 4 -2.47 1.95 0.30
C THR A 4 -1.17 1.62 1.05
N PRO A 5 -0.94 2.16 2.23
CA PRO A 5 0.30 1.88 3.00
C PRO A 5 0.27 0.53 3.71
N VAL A 6 -0.65 -0.34 3.28
CA VAL A 6 -0.78 -1.66 3.89
C VAL A 6 0.03 -2.69 3.11
N CYS A 7 0.23 -2.42 1.82
CA CYS A 7 0.98 -3.34 0.97
C CYS A 7 2.38 -2.78 0.68
N CYS A 1 1.15 -0.99 -5.92
CA CYS A 1 1.11 -1.37 -4.48
C CYS A 1 0.88 -0.13 -3.63
N ARG A 2 0.89 1.04 -4.27
CA ARG A 2 0.67 2.28 -3.57
C ARG A 2 -0.81 2.51 -3.32
N THR A 4 -2.16 2.67 -0.94
CA THR A 4 -2.49 1.95 0.29
C THR A 4 -1.19 1.62 1.05
N PRO A 5 -0.99 2.17 2.24
CA PRO A 5 0.25 1.90 3.02
C PRO A 5 0.22 0.53 3.72
N VAL A 6 -0.64 -0.35 3.24
CA VAL A 6 -0.75 -1.67 3.84
C VAL A 6 0.02 -2.71 3.02
N CYS A 7 0.32 -2.36 1.78
CA CYS A 7 1.06 -3.26 0.90
C CYS A 7 2.19 -3.94 1.66
N CYS A 1 2.67 -1.96 -3.85
CA CYS A 1 1.56 -1.22 -4.50
C CYS A 1 1.17 -0.01 -3.64
N ARG A 2 1.04 1.14 -4.27
CA ARG A 2 0.69 2.35 -3.55
C ARG A 2 -0.82 2.41 -3.28
N THR A 4 -2.13 2.45 -0.90
CA THR A 4 -2.34 1.69 0.32
C THR A 4 -1.03 1.56 1.11
N PRO A 5 -0.91 2.15 2.28
CA PRO A 5 0.35 2.07 3.08
C PRO A 5 0.48 0.75 3.81
N VAL A 6 -0.33 -0.23 3.40
CA VAL A 6 -0.30 -1.55 4.02
C VAL A 6 -0.04 -2.63 2.98
N CYS A 7 -0.10 -2.24 1.71
CA CYS A 7 0.12 -3.19 0.62
C CYS A 7 1.29 -4.11 0.95
N CYS A 1 2.44 -2.05 -4.07
CA CYS A 1 1.22 -1.33 -4.55
C CYS A 1 0.99 -0.10 -3.68
N ARG A 2 0.86 1.06 -4.33
CA ARG A 2 0.65 2.31 -3.60
C ARG A 2 -0.83 2.52 -3.34
N THR A 4 -2.16 2.66 -0.93
CA THR A 4 -2.47 1.94 0.30
C THR A 4 -1.17 1.61 1.06
N PRO A 5 -0.95 2.16 2.24
CA PRO A 5 0.29 1.89 3.01
C PRO A 5 0.26 0.54 3.71
N VAL A 6 -0.64 -0.33 3.29
CA VAL A 6 -0.76 -1.65 3.89
C VAL A 6 0.05 -2.68 3.10
N CYS A 7 0.22 -2.42 1.81
CA CYS A 7 0.96 -3.33 0.95
C CYS A 7 2.36 -2.78 0.66
N CYS A 1 2.53 -2.02 -3.77
CA CYS A 1 1.44 -1.24 -4.45
C CYS A 1 1.12 -0.01 -3.61
N ARG A 2 0.98 1.13 -4.27
CA ARG A 2 0.66 2.37 -3.58
C ARG A 2 -0.83 2.47 -3.29
N THR A 4 -2.15 2.53 -0.92
CA THR A 4 -2.39 1.76 0.30
C THR A 4 -1.06 1.58 1.06
N PRO A 5 -0.90 2.15 2.23
CA PRO A 5 0.37 2.01 3.00
C PRO A 5 0.46 0.66 3.73
N VAL A 6 -0.45 -0.25 3.38
CA VAL A 6 -0.46 -1.57 3.99
C VAL A 6 0.09 -2.62 3.04
N CYS A 7 -0.09 -2.38 1.74
CA CYS A 7 0.40 -3.31 0.73
C CYS A 7 1.69 -2.79 0.10
N CYS A 1 2.25 -2.18 -3.83
CA CYS A 1 1.13 -1.38 -4.42
C CYS A 1 0.92 -0.12 -3.59
N ARG A 2 0.85 1.02 -4.27
CA ARG A 2 0.64 2.29 -3.59
C ARG A 2 -0.84 2.54 -3.34
N THR A 4 -2.17 2.70 -0.93
CA THR A 4 -2.49 1.98 0.30
C THR A 4 -1.19 1.61 1.04
N PRO A 5 -0.95 2.15 2.22
CA PRO A 5 0.30 1.85 2.97
C PRO A 5 0.25 0.49 3.67
N VAL A 6 -0.67 -0.36 3.22
CA VAL A 6 -0.82 -1.69 3.81
C VAL A 6 -0.01 -2.72 3.03
N CYS A 7 0.33 -2.36 1.79
CA CYS A 7 1.11 -3.27 0.93
C CYS A 7 2.29 -2.52 0.31
N CYS A 1 2.55 -1.96 -3.89
CA CYS A 1 1.34 -1.30 -4.44
C CYS A 1 1.02 -0.05 -3.60
N ARG A 2 0.97 1.09 -4.27
CA ARG A 2 0.66 2.34 -3.58
C ARG A 2 -0.82 2.49 -3.33
N THR A 4 -2.16 2.57 -0.93
CA THR A 4 -2.45 1.85 0.30
C THR A 4 -1.13 1.60 1.07
N PRO A 5 -0.94 2.17 2.23
CA PRO A 5 0.32 1.98 3.01
C PRO A 5 0.38 0.62 3.72
N VAL A 6 -0.51 -0.29 3.33
CA VAL A 6 -0.55 -1.61 3.96
C VAL A 6 0.09 -2.65 3.04
N CYS A 7 0.05 -2.39 1.74
CA CYS A 7 0.64 -3.31 0.77
C CYS A 7 2.05 -3.70 1.16
N CYS A 1 3.14 -1.60 -3.96
CA CYS A 1 1.87 -1.03 -4.49
C CYS A 1 1.47 0.18 -3.66
N ARG A 2 1.02 1.24 -4.34
CA ARG A 2 0.62 2.44 -3.65
C ARG A 2 -0.88 2.42 -3.35
N THR A 4 -2.17 2.39 -0.91
CA THR A 4 -2.33 1.66 0.34
C THR A 4 -0.98 1.57 1.08
N PRO A 5 -0.84 2.18 2.24
CA PRO A 5 0.46 2.13 2.99
C PRO A 5 0.63 0.82 3.75
N VAL A 6 -0.15 -0.18 3.37
CA VAL A 6 -0.08 -1.50 4.02
C VAL A 6 0.17 -2.59 2.99
N CYS A 7 -0.51 -2.49 1.85
CA CYS A 7 -0.35 -3.49 0.78
C CYS A 7 -0.29 -4.89 1.36
N CYS A 1 2.21 -2.28 -3.32
CA CYS A 1 1.63 -1.27 -4.24
C CYS A 1 1.26 -0.02 -3.44
N ARG A 2 1.00 1.07 -4.15
CA ARG A 2 0.64 2.33 -3.51
C ARG A 2 -0.86 2.38 -3.23
N THR A 4 -2.17 2.47 -0.88
CA THR A 4 -2.39 1.74 0.35
C THR A 4 -1.05 1.59 1.10
N PRO A 5 -0.89 2.18 2.26
CA PRO A 5 0.39 2.09 3.03
C PRO A 5 0.53 0.75 3.75
N VAL A 6 -0.24 -0.24 3.31
CA VAL A 6 -0.20 -1.56 3.91
C VAL A 6 -0.16 -2.64 2.84
N CYS A 7 -0.02 -2.22 1.58
CA CYS A 7 0.04 -3.14 0.46
C CYS A 7 1.48 -3.35 0.01
N CYS A 1 2.29 -2.26 -3.38
CA CYS A 1 1.63 -1.26 -4.27
C CYS A 1 1.27 -0.01 -3.47
N ARG A 2 0.98 1.07 -4.18
CA ARG A 2 0.63 2.32 -3.53
C ARG A 2 -0.87 2.39 -3.25
N THR A 4 -2.18 2.49 -0.89
CA THR A 4 -2.39 1.75 0.36
C THR A 4 -1.06 1.60 1.10
N PRO A 5 -0.88 2.20 2.26
CA PRO A 5 0.39 2.09 3.01
C PRO A 5 0.52 0.75 3.75
N VAL A 6 -0.26 -0.23 3.31
CA VAL A 6 -0.25 -1.55 3.91
C VAL A 6 0.07 -2.62 2.87
N CYS A 7 -0.17 -2.29 1.60
CA CYS A 7 0.09 -3.22 0.52
C CYS A 7 1.54 -3.13 0.06
N CYS A 1 2.24 -2.28 -3.37
CA CYS A 1 1.60 -1.28 -4.26
C CYS A 1 1.25 -0.03 -3.46
N ARG A 2 0.98 1.06 -4.17
CA ARG A 2 0.63 2.32 -3.53
C ARG A 2 -0.87 2.39 -3.25
N THR A 4 -2.17 2.50 -0.88
CA THR A 4 -2.39 1.76 0.35
C THR A 4 -1.06 1.60 1.10
N PRO A 5 -0.89 2.19 2.26
CA PRO A 5 0.39 2.07 3.02
C PRO A 5 0.50 0.74 3.75
N VAL A 6 -0.28 -0.25 3.30
CA VAL A 6 -0.27 -1.57 3.92
C VAL A 6 -0.02 -2.64 2.87
N CYS A 7 -0.09 -2.24 1.60
CA CYS A 7 0.13 -3.19 0.50
C CYS A 7 1.57 -3.10 0.00
N CYS A 1 2.27 -2.25 -3.35
CA CYS A 1 1.62 -1.26 -4.25
C CYS A 1 1.26 -0.01 -3.46
N ARG A 2 0.98 1.07 -4.18
CA ARG A 2 0.63 2.33 -3.53
C ARG A 2 -0.87 2.39 -3.25
N THR A 4 -2.17 2.50 -0.88
CA THR A 4 -2.39 1.76 0.35
C THR A 4 -1.05 1.59 1.09
N PRO A 5 -0.88 2.19 2.26
CA PRO A 5 0.40 2.08 3.01
C PRO A 5 0.51 0.75 3.74
N VAL A 6 -0.27 -0.24 3.30
CA VAL A 6 -0.26 -1.56 3.92
C VAL A 6 0.04 -2.63 2.87
N CYS A 7 -0.15 -2.28 1.61
CA CYS A 7 0.10 -3.22 0.52
C CYS A 7 1.55 -3.11 0.03
N CYS A 1 2.24 -2.26 -3.33
CA CYS A 1 1.60 -1.27 -4.23
C CYS A 1 1.25 -0.02 -3.45
N ARG A 2 0.97 1.06 -4.17
CA ARG A 2 0.63 2.32 -3.53
C ARG A 2 -0.87 2.40 -3.25
N THR A 4 -2.18 2.50 -0.89
CA THR A 4 -2.39 1.76 0.35
C THR A 4 -1.06 1.60 1.09
N PRO A 5 -0.88 2.19 2.25
CA PRO A 5 0.40 2.06 3.00
C PRO A 5 0.52 0.74 3.74
N VAL A 6 -0.27 -0.24 3.30
CA VAL A 6 -0.27 -1.57 3.91
C VAL A 6 0.01 -2.64 2.86
N CYS A 7 -0.11 -2.26 1.59
CA CYS A 7 0.13 -3.21 0.51
C CYS A 7 1.57 -3.10 0.01
#